data_3QQ4
#
_entry.id   3QQ4
#
_cell.length_a   88.680
_cell.length_b   40.238
_cell.length_c   103.633
_cell.angle_alpha   90.00
_cell.angle_beta   89.93
_cell.angle_gamma   90.00
#
_symmetry.space_group_name_H-M   'C 1 2 1'
#
loop_
_entity.id
_entity.type
_entity.pdbx_description
1 polymer 'MHC class I antigen'
2 polymer Beta-2-microglobulin
3 polymer VP35
4 water water
#
loop_
_entity_poly.entity_id
_entity_poly.type
_entity_poly.pdbx_seq_one_letter_code
_entity_poly.pdbx_strand_id
1 'polypeptide(L)'
;GPHSLSYFYTAVSRPDRGDSRFIAVGYVDDTQFVRFDNYAPNPRMEPRVPWIQQEGQEYWDRETRNVKETAQTYGVGLNT
LRGYYNQSEAGSHTLQSMYGCYLGPDGLLLHGYRQDAYDGADYIALNEDLRSWTAADMAAQITKRKWEAADEAERRRSYL
QGLCVESLRRYLEMGKDTLQRAEPPKTHVTRHPSSDLGVTLRCWALGFYPKEISLTWQREGQDQSQDMELVETRPSGDGT
FQKWAALVVPPGEEQSYTCHVQHEGLQEPLTLRWD
;
A
2 'polypeptide(L)'
;EFVARPPKVQVYSRHPAENGKPNYLNCYVSGFHPPQIEIDLLKNGEKMNAEQSDLSFSKDWSFYLLVHTEFTPNAVDQYS
CRVKHVTLDKPKIVKWDRDH
;
B
3 'polypeptide(L)' ATAAATEAY C
#
# COMPACT_ATOMS: atom_id res chain seq x y z
N GLY A 1 2.55 -16.35 -8.06
CA GLY A 1 1.40 -16.17 -8.94
C GLY A 1 1.71 -15.25 -10.10
N PRO A 2 0.68 -14.96 -10.93
CA PRO A 2 0.78 -14.13 -12.13
C PRO A 2 1.17 -12.70 -11.81
N HIS A 3 1.96 -12.08 -12.71
CA HIS A 3 2.34 -10.69 -12.54
C HIS A 3 1.15 -9.78 -12.82
N SER A 4 1.23 -8.54 -12.36
CA SER A 4 0.15 -7.59 -12.54
C SER A 4 0.63 -6.15 -12.64
N LEU A 5 -0.04 -5.38 -13.49
CA LEU A 5 0.14 -3.94 -13.54
C LEU A 5 -1.12 -3.30 -12.97
N SER A 6 -0.96 -2.37 -12.03
CA SER A 6 -2.11 -1.74 -11.40
C SER A 6 -1.91 -0.26 -11.14
N TYR A 7 -2.99 0.51 -11.22
CA TYR A 7 -2.95 1.93 -10.88
C TYR A 7 -3.95 2.25 -9.79
N PHE A 8 -3.58 3.17 -8.91
CA PHE A 8 -4.42 3.57 -7.80
C PHE A 8 -4.59 5.09 -7.80
N TYR A 9 -5.82 5.55 -8.02
CA TYR A 9 -6.10 6.99 -8.04
C TYR A 9 -6.79 7.41 -6.76
N THR A 10 -6.37 8.55 -6.23
CA THR A 10 -7.08 9.21 -5.13
C THR A 10 -7.36 10.66 -5.52
N ALA A 11 -8.63 11.03 -5.55
CA ALA A 11 -9.01 12.42 -5.74
C ALA A 11 -9.71 12.94 -4.50
N VAL A 12 -9.30 14.12 -4.05
CA VAL A 12 -9.84 14.72 -2.83
C VAL A 12 -10.27 16.15 -3.09
N SER A 13 -11.54 16.45 -2.80
CA SER A 13 -12.04 17.81 -3.01
C SER A 13 -11.50 18.76 -1.94
N ARG A 14 -11.17 19.98 -2.35
CA ARG A 14 -10.73 21.02 -1.43
C ARG A 14 -11.67 22.21 -1.54
N PRO A 15 -12.78 22.17 -0.81
CA PRO A 15 -13.79 23.24 -0.85
C PRO A 15 -13.55 24.27 0.24
N ASP A 16 -13.71 25.61 -0.23
CA ASP A 16 -13.07 25.93 -1.50
C ASP A 16 -12.56 27.37 -1.53
N ARG A 17 -11.27 27.59 -1.45
CA ARG A 17 -10.31 26.52 -1.45
C ARG A 17 -9.96 25.91 -2.82
N GLY A 18 -10.72 26.13 -3.89
CA GLY A 18 -12.00 25.58 -4.28
C GLY A 18 -11.91 24.67 -5.50
N ASP A 19 -11.18 23.58 -5.37
CA ASP A 19 -10.77 22.69 -6.45
C ASP A 19 -10.61 21.30 -5.85
N SER A 20 -9.78 20.47 -6.46
CA SER A 20 -9.51 19.15 -5.88
C SER A 20 -8.00 19.13 -5.64
N ARG A 21 -7.47 17.99 -5.28
CA ARG A 21 -6.20 17.29 -5.51
C ARG A 21 -6.29 15.85 -5.99
N PHE A 22 -5.41 15.48 -6.92
CA PHE A 22 -5.44 14.17 -7.54
C PHE A 22 -4.09 13.47 -7.46
N ILE A 23 -4.09 12.24 -6.95
CA ILE A 23 -2.86 11.48 -6.79
C ILE A 23 -2.99 10.12 -7.47
N ALA A 24 -2.00 9.79 -8.30
CA ALA A 24 -1.96 8.48 -8.94
C ALA A 24 -0.63 7.81 -8.65
N VAL A 25 -0.68 6.51 -8.34
CA VAL A 25 0.53 5.71 -8.23
C VAL A 25 0.36 4.44 -9.04
N GLY A 26 1.43 4.02 -9.70
CA GLY A 26 1.39 2.81 -10.50
C GLY A 26 2.28 1.75 -9.90
N TYR A 27 1.83 0.50 -9.93
CA TYR A 27 2.59 -0.61 -9.40
C TYR A 27 2.77 -1.70 -10.45
N VAL A 28 3.94 -2.33 -10.47
CA VAL A 28 4.08 -3.64 -11.08
C VAL A 28 4.28 -4.63 -9.94
N ASP A 29 3.37 -5.59 -9.81
CA ASP A 29 3.36 -6.46 -8.65
C ASP A 29 3.38 -5.61 -7.39
N ASP A 30 4.33 -5.86 -6.50
CA ASP A 30 4.42 -5.10 -5.25
C ASP A 30 5.44 -3.97 -5.35
N THR A 31 5.76 -3.55 -6.57
CA THR A 31 6.75 -2.49 -6.78
C THR A 31 6.14 -1.24 -7.40
N GLN A 32 6.18 -0.13 -6.67
CA GLN A 32 5.70 1.15 -7.22
C GLN A 32 6.71 1.66 -8.23
N PHE A 33 6.25 2.05 -9.42
CA PHE A 33 7.17 2.47 -10.47
C PHE A 33 6.92 3.89 -11.00
N VAL A 34 5.74 4.44 -10.74
CA VAL A 34 5.44 5.82 -11.13
C VAL A 34 4.50 6.48 -10.14
N ARG A 35 4.40 7.81 -10.22
CA ARG A 35 3.46 8.56 -9.40
C ARG A 35 3.12 9.89 -10.05
N PHE A 36 1.95 10.42 -9.72
CA PHE A 36 1.54 11.74 -10.15
C PHE A 36 0.82 12.39 -8.98
N ASP A 37 1.12 13.66 -8.74
CA ASP A 37 0.54 14.36 -7.61
C ASP A 37 0.45 15.85 -7.94
N ASN A 38 -0.76 16.33 -8.22
CA ASN A 38 -0.94 17.73 -8.58
C ASN A 38 -0.98 18.66 -7.38
N TYR A 39 -0.47 18.17 -6.25
CA TYR A 39 -0.16 19.02 -5.11
C TYR A 39 1.12 19.75 -5.43
N ALA A 40 1.89 19.19 -6.36
CA ALA A 40 3.11 19.81 -6.84
C ALA A 40 2.80 20.76 -8.00
N PRO A 41 3.55 21.87 -8.10
CA PRO A 41 3.43 22.80 -9.22
C PRO A 41 3.85 22.10 -10.51
N ASN A 42 3.27 22.51 -11.64
CA ASN A 42 3.61 21.92 -12.93
C ASN A 42 3.76 20.40 -12.81
N PRO A 43 2.69 19.71 -12.37
CA PRO A 43 2.76 18.28 -12.05
C PRO A 43 3.12 17.43 -13.26
N ARG A 44 3.89 16.37 -13.02
CA ARG A 44 4.26 15.44 -14.08
C ARG A 44 4.17 14.01 -13.56
N MET A 45 3.85 13.07 -14.45
CA MET A 45 4.02 11.67 -14.11
C MET A 45 5.51 11.46 -13.99
N GLU A 46 5.95 10.83 -12.91
CA GLU A 46 7.37 10.70 -12.64
C GLU A 46 7.78 9.29 -12.22
N PRO A 47 9.00 8.90 -12.59
CA PRO A 47 9.59 7.59 -12.27
C PRO A 47 9.83 7.44 -10.77
N ARG A 48 9.61 6.23 -10.25
CA ARG A 48 9.79 5.95 -8.83
C ARG A 48 10.72 4.76 -8.63
N VAL A 49 11.17 4.19 -9.74
CA VAL A 49 12.18 3.13 -9.71
C VAL A 49 13.14 3.34 -10.88
N PRO A 50 14.38 2.87 -10.72
CA PRO A 50 15.38 3.04 -11.78
C PRO A 50 14.94 2.51 -13.14
N TRP A 51 14.42 1.28 -13.20
CA TRP A 51 14.17 0.63 -14.49
C TRP A 51 13.18 1.33 -15.41
N ILE A 52 12.32 2.17 -14.85
CA ILE A 52 11.33 2.88 -15.68
C ILE A 52 11.91 4.16 -16.26
N GLN A 53 12.94 4.70 -15.62
CA GLN A 53 13.51 5.98 -16.02
C GLN A 53 13.89 6.02 -17.50
N GLN A 54 14.16 4.86 -18.08
CA GLN A 54 14.63 4.80 -19.46
C GLN A 54 13.55 5.09 -20.50
N GLU A 55 12.30 5.16 -20.07
CA GLU A 55 11.21 5.54 -20.97
C GLU A 55 11.53 6.89 -21.60
N GLY A 56 11.24 7.02 -22.90
CA GLY A 56 11.52 8.25 -23.61
C GLY A 56 10.60 9.38 -23.19
N GLN A 57 10.95 10.61 -23.58
CA GLN A 57 10.19 11.80 -23.19
C GLN A 57 8.73 11.72 -23.65
N GLU A 58 8.49 11.06 -24.77
CA GLU A 58 7.13 10.94 -25.30
C GLU A 58 6.22 10.16 -24.38
N TYR A 59 6.78 9.14 -23.73
CA TYR A 59 6.02 8.34 -22.78
C TYR A 59 5.59 9.21 -21.62
N TRP A 60 6.55 9.94 -21.03
CA TRP A 60 6.28 10.78 -19.88
C TRP A 60 5.31 11.91 -20.23
N ASP A 61 5.43 12.44 -21.44
CA ASP A 61 4.52 13.48 -21.91
C ASP A 61 3.10 12.92 -22.02
N ARG A 62 2.97 11.75 -22.64
CA ARG A 62 1.68 11.10 -22.81
C ARG A 62 1.03 10.72 -21.48
N GLU A 63 1.83 10.16 -20.57
CA GLU A 63 1.33 9.79 -19.26
C GLU A 63 0.87 11.03 -18.47
N THR A 64 1.69 12.07 -18.50
CA THR A 64 1.38 13.32 -17.82
C THR A 64 0.06 13.90 -18.32
N ARG A 65 -0.01 14.16 -19.63
CA ARG A 65 -1.24 14.64 -20.24
C ARG A 65 -2.44 13.81 -19.80
N ASN A 66 -2.31 12.49 -19.94
CA ASN A 66 -3.39 11.58 -19.63
C ASN A 66 -3.93 11.71 -18.22
N VAL A 67 -3.04 11.72 -17.23
CA VAL A 67 -3.46 11.80 -15.83
C VAL A 67 -4.01 13.17 -15.47
N LYS A 68 -3.46 14.23 -16.07
CA LYS A 68 -3.96 15.58 -15.84
C LYS A 68 -5.38 15.72 -16.37
N GLU A 69 -5.68 15.07 -17.48
CA GLU A 69 -7.04 15.08 -18.02
C GLU A 69 -7.95 14.22 -17.15
N THR A 70 -7.39 13.14 -16.61
CA THR A 70 -8.12 12.28 -15.69
C THR A 70 -8.44 13.06 -14.42
N ALA A 71 -7.47 13.83 -13.92
CA ALA A 71 -7.67 14.65 -12.74
C ALA A 71 -8.85 15.60 -12.92
N GLN A 72 -8.97 16.19 -14.11
CA GLN A 72 -10.08 17.08 -14.41
C GLN A 72 -11.40 16.32 -14.33
N THR A 73 -11.41 15.09 -14.84
CA THR A 73 -12.61 14.27 -14.84
C THR A 73 -13.04 13.93 -13.41
N TYR A 74 -12.07 13.65 -12.55
CA TYR A 74 -12.37 13.36 -11.15
C TYR A 74 -12.80 14.61 -10.38
N GLY A 75 -12.28 15.77 -10.78
CA GLY A 75 -12.73 17.03 -10.22
C GLY A 75 -14.22 17.21 -10.47
N VAL A 76 -14.62 17.02 -11.73
CA VAL A 76 -16.03 17.08 -12.10
C VAL A 76 -16.82 15.99 -11.39
N GLY A 77 -16.26 14.79 -11.34
CA GLY A 77 -16.90 13.66 -10.69
C GLY A 77 -17.26 13.92 -9.24
N LEU A 78 -16.35 14.58 -8.52
CA LEU A 78 -16.59 14.92 -7.11
C LEU A 78 -17.77 15.87 -6.96
N ASN A 79 -17.85 16.86 -7.85
CA ASN A 79 -18.99 17.76 -7.87
C ASN A 79 -20.28 16.99 -8.13
N THR A 80 -20.22 16.07 -9.09
CA THR A 80 -21.39 15.28 -9.47
C THR A 80 -21.89 14.40 -8.32
N LEU A 81 -20.98 13.69 -7.64
CA LEU A 81 -21.37 12.82 -6.53
C LEU A 81 -21.90 13.61 -5.34
N ARG A 82 -21.31 14.77 -5.08
CA ARG A 82 -21.80 15.65 -4.03
C ARG A 82 -23.27 15.95 -4.33
N GLY A 83 -23.56 16.18 -5.61
CA GLY A 83 -24.92 16.41 -6.04
C GLY A 83 -25.81 15.19 -5.83
N TYR A 84 -25.33 14.02 -6.23
CA TYR A 84 -26.11 12.78 -6.07
C TYR A 84 -26.55 12.61 -4.63
N TYR A 85 -25.64 12.91 -3.71
CA TYR A 85 -25.91 12.69 -2.29
C TYR A 85 -26.38 13.96 -1.59
N ASN A 86 -26.64 14.99 -2.38
CA ASN A 86 -27.14 16.25 -1.84
C ASN A 86 -26.33 16.69 -0.62
N GLN A 87 -25.01 16.56 -0.72
CA GLN A 87 -24.11 16.91 0.37
C GLN A 87 -23.72 18.39 0.33
N SER A 88 -23.24 18.90 1.47
CA SER A 88 -22.81 20.29 1.55
C SER A 88 -21.57 20.52 0.69
N GLU A 89 -21.50 21.69 0.06
CA GLU A 89 -20.38 22.05 -0.79
C GLU A 89 -19.15 22.47 0.02
N ALA A 90 -19.31 22.50 1.35
CA ALA A 90 -18.23 22.96 2.22
C ALA A 90 -17.39 21.80 2.77
N GLY A 91 -17.82 20.58 2.52
CA GLY A 91 -17.11 19.42 3.01
C GLY A 91 -16.23 18.79 1.95
N SER A 92 -15.11 18.21 2.38
CA SER A 92 -14.23 17.50 1.46
C SER A 92 -14.63 16.03 1.40
N HIS A 93 -14.51 15.45 0.21
CA HIS A 93 -14.86 14.05 0.02
C HIS A 93 -13.79 13.38 -0.82
N THR A 94 -13.82 12.06 -0.89
CA THR A 94 -12.81 11.32 -1.64
C THR A 94 -13.44 10.44 -2.71
N LEU A 95 -12.75 10.33 -3.84
CA LEU A 95 -13.14 9.44 -4.91
C LEU A 95 -11.89 8.64 -5.23
N GLN A 96 -11.97 7.32 -5.04
CA GLN A 96 -10.83 6.45 -5.29
C GLN A 96 -11.13 5.50 -6.44
N SER A 97 -10.09 5.20 -7.22
CA SER A 97 -10.22 4.24 -8.30
C SER A 97 -9.05 3.29 -8.32
N MET A 98 -9.34 2.05 -8.67
CA MET A 98 -8.37 0.97 -8.59
C MET A 98 -8.59 0.14 -9.83
N TYR A 99 -7.56 -0.01 -10.66
CA TYR A 99 -7.67 -0.88 -11.83
C TYR A 99 -6.34 -1.51 -12.22
N GLY A 100 -6.40 -2.63 -12.92
CA GLY A 100 -5.19 -3.33 -13.32
C GLY A 100 -5.45 -4.62 -14.07
N CYS A 101 -4.37 -5.24 -14.54
CA CYS A 101 -4.47 -6.47 -15.31
C CYS A 101 -3.49 -7.50 -14.77
N TYR A 102 -3.85 -8.78 -14.88
CA TYR A 102 -2.97 -9.86 -14.52
C TYR A 102 -2.56 -10.63 -15.77
N LEU A 103 -1.28 -10.98 -15.86
CA LEU A 103 -0.73 -11.63 -17.04
C LEU A 103 -0.82 -13.16 -16.95
N GLY A 104 -1.39 -13.78 -17.97
CA GLY A 104 -1.50 -15.23 -18.03
C GLY A 104 -0.31 -15.87 -18.72
N PRO A 105 -0.19 -17.20 -18.59
CA PRO A 105 0.95 -17.96 -19.15
C PRO A 105 1.05 -17.83 -20.66
N ASP A 106 -0.06 -17.51 -21.32
CA ASP A 106 -0.08 -17.35 -22.76
C ASP A 106 0.22 -15.91 -23.18
N GLY A 107 0.57 -15.08 -22.20
CA GLY A 107 0.91 -13.69 -22.48
C GLY A 107 -0.30 -12.80 -22.68
N LEU A 108 -1.49 -13.33 -22.39
CA LEU A 108 -2.70 -12.55 -22.53
C LEU A 108 -3.29 -12.22 -21.16
N LEU A 109 -4.33 -11.39 -21.14
CA LEU A 109 -5.00 -11.04 -19.90
C LEU A 109 -5.55 -12.30 -19.22
N LEU A 110 -5.07 -12.57 -18.01
CA LEU A 110 -5.62 -13.66 -17.21
C LEU A 110 -6.93 -13.18 -16.59
N HIS A 111 -6.86 -12.02 -15.93
CA HIS A 111 -8.04 -11.32 -15.47
C HIS A 111 -7.70 -9.86 -15.18
N GLY A 112 -8.69 -8.99 -15.30
CA GLY A 112 -8.49 -7.57 -15.05
C GLY A 112 -9.58 -7.06 -14.15
N TYR A 113 -9.41 -5.86 -13.62
CA TYR A 113 -10.39 -5.29 -12.70
C TYR A 113 -10.43 -3.78 -12.78
N ARG A 114 -11.55 -3.22 -12.33
CA ARG A 114 -11.69 -1.79 -12.15
C ARG A 114 -12.73 -1.54 -11.06
N GLN A 115 -12.29 -0.93 -9.97
CA GLN A 115 -13.18 -0.68 -8.83
C GLN A 115 -13.06 0.76 -8.36
N ASP A 116 -14.20 1.35 -7.98
CA ASP A 116 -14.24 2.73 -7.53
C ASP A 116 -14.89 2.83 -6.15
N ALA A 117 -14.45 3.81 -5.35
CA ALA A 117 -15.03 4.02 -4.04
C ALA A 117 -15.26 5.50 -3.77
N TYR A 118 -16.32 5.80 -3.02
CA TYR A 118 -16.61 7.17 -2.62
C TYR A 118 -16.59 7.27 -1.09
N ASP A 119 -15.76 8.17 -0.58
CA ASP A 119 -15.59 8.32 0.87
C ASP A 119 -15.26 6.99 1.55
N GLY A 120 -14.45 6.17 0.88
CA GLY A 120 -13.93 4.96 1.47
C GLY A 120 -14.82 3.73 1.36
N ALA A 121 -15.93 3.85 0.65
CA ALA A 121 -16.85 2.73 0.49
C ALA A 121 -17.10 2.39 -0.98
N ASP A 122 -17.29 1.10 -1.27
CA ASP A 122 -17.59 0.67 -2.63
C ASP A 122 -18.64 1.56 -3.25
N TYR A 123 -18.42 1.94 -4.51
CA TYR A 123 -19.37 2.77 -5.25
C TYR A 123 -19.82 2.02 -6.50
N ILE A 124 -18.88 1.76 -7.40
CA ILE A 124 -19.18 1.01 -8.61
C ILE A 124 -17.97 0.19 -9.04
N ALA A 125 -18.21 -0.98 -9.61
CA ALA A 125 -17.14 -1.85 -10.04
C ALA A 125 -17.49 -2.59 -11.32
N LEU A 126 -16.46 -2.86 -12.12
CA LEU A 126 -16.60 -3.68 -13.31
C LEU A 126 -16.59 -5.14 -12.88
N ASN A 127 -17.52 -5.92 -13.39
CA ASN A 127 -17.58 -7.34 -13.05
C ASN A 127 -16.48 -8.13 -13.75
N GLU A 128 -16.25 -9.36 -13.29
CA GLU A 128 -15.17 -10.19 -13.84
C GLU A 128 -15.23 -10.36 -15.36
N ASP A 129 -16.44 -10.38 -15.92
CA ASP A 129 -16.61 -10.57 -17.36
C ASP A 129 -16.22 -9.33 -18.16
N LEU A 130 -15.93 -8.25 -17.44
CA LEU A 130 -15.50 -7.00 -18.08
C LEU A 130 -16.54 -6.47 -19.06
N ARG A 131 -17.81 -6.77 -18.79
CA ARG A 131 -18.89 -6.40 -19.69
C ARG A 131 -20.10 -5.80 -18.99
N SER A 132 -20.14 -5.92 -17.66
CA SER A 132 -21.24 -5.37 -16.88
C SER A 132 -20.71 -4.74 -15.59
N TRP A 133 -21.55 -3.93 -14.95
CA TRP A 133 -21.14 -3.20 -13.76
C TRP A 133 -21.95 -3.62 -12.53
N THR A 134 -21.36 -3.44 -11.35
CA THR A 134 -22.09 -3.60 -10.10
C THR A 134 -22.12 -2.28 -9.34
N ALA A 135 -23.31 -1.74 -9.15
CA ALA A 135 -23.48 -0.49 -8.42
C ALA A 135 -23.79 -0.75 -6.95
N ALA A 136 -23.14 0.00 -6.07
CA ALA A 136 -23.27 -0.22 -4.63
C ALA A 136 -24.54 0.38 -4.02
N ASP A 137 -25.06 1.45 -4.65
CA ASP A 137 -26.25 2.12 -4.14
C ASP A 137 -26.98 2.89 -5.24
N MET A 138 -28.08 3.55 -4.87
CA MET A 138 -28.92 4.25 -5.83
C MET A 138 -28.12 5.29 -6.62
N ALA A 139 -27.24 6.02 -5.93
CA ALA A 139 -26.42 7.01 -6.59
C ALA A 139 -25.50 6.39 -7.64
N ALA A 140 -24.85 5.29 -7.27
CA ALA A 140 -23.96 4.58 -8.20
C ALA A 140 -24.73 4.04 -9.38
N GLN A 141 -26.03 3.80 -9.20
CA GLN A 141 -26.87 3.32 -10.28
C GLN A 141 -27.05 4.38 -11.38
N ILE A 142 -26.99 5.65 -10.99
CA ILE A 142 -27.02 6.74 -11.95
C ILE A 142 -25.73 6.72 -12.80
N THR A 143 -24.59 6.64 -12.12
CA THR A 143 -23.31 6.52 -12.82
C THR A 143 -23.33 5.30 -13.74
N LYS A 144 -23.86 4.19 -13.24
CA LYS A 144 -23.94 2.95 -14.00
C LYS A 144 -24.69 3.11 -15.32
N ARG A 145 -25.87 3.72 -15.27
CA ARG A 145 -26.64 3.97 -16.48
C ARG A 145 -25.85 4.82 -17.48
N LYS A 146 -25.11 5.79 -16.96
CA LYS A 146 -24.28 6.63 -17.84
C LYS A 146 -23.16 5.81 -18.49
N TRP A 147 -22.49 4.97 -17.71
CA TRP A 147 -21.36 4.20 -18.22
C TRP A 147 -21.82 3.11 -19.20
N GLU A 148 -23.02 2.57 -18.97
CA GLU A 148 -23.58 1.57 -19.87
C GLU A 148 -23.90 2.18 -21.23
N ALA A 149 -24.52 3.35 -21.22
CA ALA A 149 -24.88 4.04 -22.46
C ALA A 149 -23.65 4.58 -23.18
N ALA A 150 -22.55 4.72 -22.45
CA ALA A 150 -21.35 5.34 -23.01
C ALA A 150 -20.30 4.31 -23.48
N ASP A 151 -20.57 3.03 -23.28
CA ASP A 151 -19.65 1.98 -23.68
C ASP A 151 -18.37 1.97 -22.83
N GLU A 152 -18.45 2.47 -21.60
CA GLU A 152 -17.27 2.54 -20.73
C GLU A 152 -16.65 1.15 -20.50
N ALA A 153 -17.50 0.15 -20.27
CA ALA A 153 -17.01 -1.20 -20.03
C ALA A 153 -16.22 -1.74 -21.21
N GLU A 154 -16.66 -1.43 -22.42
CA GLU A 154 -15.99 -1.93 -23.60
C GLU A 154 -14.63 -1.26 -23.80
N ARG A 155 -14.54 0.02 -23.48
CA ARG A 155 -13.25 0.71 -23.53
C ARG A 155 -12.30 0.18 -22.45
N ARG A 156 -12.83 -0.01 -21.25
CA ARG A 156 -12.03 -0.58 -20.16
C ARG A 156 -11.49 -1.96 -20.55
N ARG A 157 -12.36 -2.81 -21.08
CA ARG A 157 -11.97 -4.16 -21.47
C ARG A 157 -10.84 -4.13 -22.50
N SER A 158 -10.98 -3.28 -23.51
CA SER A 158 -9.99 -3.19 -24.57
C SER A 158 -8.65 -2.72 -24.03
N TYR A 159 -8.69 -1.78 -23.08
CA TYR A 159 -7.47 -1.34 -22.40
C TYR A 159 -6.84 -2.49 -21.63
N LEU A 160 -7.63 -3.14 -20.77
CA LEU A 160 -7.13 -4.21 -19.92
C LEU A 160 -6.58 -5.39 -20.73
N GLN A 161 -7.23 -5.70 -21.85
CA GLN A 161 -6.81 -6.81 -22.71
C GLN A 161 -5.69 -6.40 -23.66
N GLY A 162 -5.54 -5.09 -23.86
CA GLY A 162 -4.57 -4.58 -24.82
C GLY A 162 -3.42 -3.84 -24.17
N LEU A 163 -3.54 -2.53 -24.08
CA LEU A 163 -2.48 -1.68 -23.55
C LEU A 163 -1.95 -2.15 -22.19
N CYS A 164 -2.86 -2.52 -21.29
CA CYS A 164 -2.45 -2.88 -19.93
C CYS A 164 -1.47 -4.05 -19.94
N VAL A 165 -1.87 -5.15 -20.55
CA VAL A 165 -1.01 -6.34 -20.59
C VAL A 165 0.26 -6.11 -21.40
N GLU A 166 0.12 -5.35 -22.49
CA GLU A 166 1.27 -5.04 -23.34
C GLU A 166 2.31 -4.21 -22.58
N SER A 167 1.84 -3.21 -21.84
CA SER A 167 2.71 -2.40 -21.01
C SER A 167 3.38 -3.27 -19.95
N LEU A 168 2.58 -4.10 -19.30
CA LEU A 168 3.07 -4.99 -18.26
C LEU A 168 4.23 -5.87 -18.75
N ARG A 169 4.03 -6.53 -19.87
CA ARG A 169 5.05 -7.40 -20.43
C ARG A 169 6.33 -6.61 -20.74
N ARG A 170 6.16 -5.35 -21.11
CA ARG A 170 7.29 -4.47 -21.37
C ARG A 170 8.03 -4.12 -20.08
N TYR A 171 7.29 -3.66 -19.07
CA TYR A 171 7.90 -3.30 -17.78
C TYR A 171 8.59 -4.49 -17.13
N LEU A 172 7.99 -5.67 -17.26
CA LEU A 172 8.56 -6.89 -16.69
C LEU A 172 9.92 -7.17 -17.30
N GLU A 173 10.06 -6.87 -18.58
CA GLU A 173 11.34 -7.00 -19.27
C GLU A 173 12.34 -5.96 -18.75
N MET A 174 11.96 -4.69 -18.84
CA MET A 174 12.82 -3.59 -18.41
C MET A 174 13.35 -3.77 -17.00
N GLY A 175 12.50 -4.28 -16.11
CA GLY A 175 12.86 -4.46 -14.72
C GLY A 175 13.11 -5.90 -14.34
N LYS A 176 13.44 -6.72 -15.34
CA LYS A 176 13.76 -8.13 -15.15
C LYS A 176 14.56 -8.43 -13.88
N ASP A 177 15.75 -7.85 -13.78
CA ASP A 177 16.70 -8.20 -12.72
C ASP A 177 16.18 -7.91 -11.32
N THR A 178 15.04 -7.26 -11.22
CA THR A 178 14.48 -6.90 -9.92
C THR A 178 13.04 -7.37 -9.75
N LEU A 179 12.21 -7.16 -10.76
CA LEU A 179 10.81 -7.55 -10.71
C LEU A 179 10.65 -9.07 -10.72
N GLN A 180 11.54 -9.74 -11.45
CA GLN A 180 11.42 -11.19 -11.60
C GLN A 180 12.44 -11.94 -10.74
N ARG A 181 12.97 -11.26 -9.72
CA ARG A 181 13.86 -11.90 -8.76
C ARG A 181 13.15 -12.06 -7.43
N ALA A 182 13.19 -13.27 -6.88
CA ALA A 182 12.62 -13.51 -5.56
C ALA A 182 13.69 -13.28 -4.49
N GLU A 183 13.42 -12.37 -3.58
CA GLU A 183 14.36 -12.08 -2.49
C GLU A 183 13.88 -12.73 -1.20
N PRO A 184 14.55 -13.81 -0.79
CA PRO A 184 14.20 -14.54 0.43
C PRO A 184 14.30 -13.66 1.66
N PRO A 185 13.50 -13.94 2.69
CA PRO A 185 13.59 -13.17 3.93
C PRO A 185 14.77 -13.65 4.77
N LYS A 186 15.39 -12.73 5.49
CA LYS A 186 16.36 -13.10 6.50
C LYS A 186 15.60 -13.28 7.80
N THR A 187 15.77 -14.45 8.43
CA THR A 187 14.94 -14.80 9.58
C THR A 187 15.73 -15.04 10.86
N HIS A 188 15.06 -14.88 11.99
CA HIS A 188 15.61 -15.23 13.29
C HIS A 188 14.53 -15.14 14.36
N VAL A 189 14.76 -15.79 15.50
CA VAL A 189 13.81 -15.78 16.60
C VAL A 189 14.38 -15.09 17.82
N THR A 190 13.59 -14.19 18.42
CA THR A 190 14.02 -13.47 19.61
C THR A 190 13.12 -13.80 20.79
N ARG A 191 13.62 -13.57 22.00
CA ARG A 191 12.87 -13.87 23.21
C ARG A 191 12.76 -12.65 24.10
N HIS A 192 11.58 -12.45 24.68
CA HIS A 192 11.33 -11.29 25.53
C HIS A 192 10.46 -11.66 26.73
N PRO A 193 11.09 -11.86 27.89
CA PRO A 193 10.39 -12.24 29.11
C PRO A 193 9.33 -11.21 29.51
N SER A 194 8.35 -11.63 30.30
CA SER A 194 7.34 -10.72 30.86
C SER A 194 7.07 -10.76 32.35
N SER A 195 6.52 -11.86 32.84
CA SER A 195 6.42 -12.08 34.28
C SER A 195 6.90 -13.52 34.27
N ASP A 196 6.75 -14.22 35.38
CA ASP A 196 7.25 -15.59 35.48
C ASP A 196 6.63 -16.62 34.54
N LEU A 197 5.31 -16.53 34.34
CA LEU A 197 4.64 -17.48 33.47
C LEU A 197 4.24 -16.85 32.14
N GLY A 198 5.22 -16.23 31.49
CA GLY A 198 4.99 -15.62 30.19
C GLY A 198 6.34 -15.33 29.58
N VAL A 199 6.48 -15.64 28.30
CA VAL A 199 7.69 -15.31 27.56
C VAL A 199 7.32 -15.21 26.08
N THR A 200 7.58 -14.05 25.49
CA THR A 200 7.24 -13.80 24.10
C THR A 200 8.35 -14.24 23.15
N LEU A 201 8.04 -15.20 22.30
CA LEU A 201 8.93 -15.61 21.22
C LEU A 201 8.49 -14.93 19.93
N ARG A 202 9.41 -14.26 19.26
CA ARG A 202 9.07 -13.52 18.03
C ARG A 202 9.89 -13.97 16.83
N CYS A 203 9.19 -14.40 15.78
CA CYS A 203 9.82 -14.88 14.56
C CYS A 203 9.85 -13.76 13.51
N TRP A 204 11.04 -13.40 13.06
CA TRP A 204 11.21 -12.27 12.13
C TRP A 204 11.45 -12.72 10.69
N ALA A 205 10.86 -11.99 9.76
CA ALA A 205 11.15 -12.13 8.35
C ALA A 205 11.48 -10.74 7.80
N LEU A 206 12.72 -10.56 7.35
CA LEU A 206 13.19 -9.23 6.95
C LEU A 206 13.72 -9.18 5.51
N GLY A 207 13.46 -8.07 4.84
CA GLY A 207 14.01 -7.82 3.52
C GLY A 207 13.57 -8.77 2.42
N PHE A 208 12.34 -9.24 2.49
CA PHE A 208 11.86 -10.17 1.47
C PHE A 208 11.06 -9.48 0.37
N TYR A 209 10.95 -10.16 -0.77
CA TYR A 209 10.14 -9.71 -1.89
C TYR A 209 9.86 -10.91 -2.81
N PRO A 210 8.62 -11.05 -3.29
CA PRO A 210 7.47 -10.16 -3.11
C PRO A 210 6.87 -10.18 -1.71
N LYS A 211 5.75 -9.49 -1.56
CA LYS A 211 5.12 -9.24 -0.26
C LYS A 211 4.49 -10.48 0.37
N GLU A 212 4.04 -11.42 -0.47
CA GLU A 212 3.32 -12.59 0.02
C GLU A 212 4.24 -13.48 0.87
N ILE A 213 3.75 -13.86 2.05
CA ILE A 213 4.53 -14.71 2.94
C ILE A 213 3.66 -15.40 3.98
N SER A 214 4.14 -16.52 4.50
CA SER A 214 3.43 -17.22 5.57
C SER A 214 4.33 -17.42 6.80
N LEU A 215 3.88 -16.89 7.94
CA LEU A 215 4.57 -17.08 9.21
C LEU A 215 3.63 -17.75 10.20
N THR A 216 3.99 -18.94 10.65
CA THR A 216 3.16 -19.68 11.61
C THR A 216 3.98 -20.31 12.73
N TRP A 217 3.36 -20.46 13.89
CA TRP A 217 3.99 -21.12 15.02
C TRP A 217 3.35 -22.49 15.27
N GLN A 218 4.16 -23.46 15.66
CA GLN A 218 3.67 -24.81 15.95
C GLN A 218 4.18 -25.32 17.30
N ARG A 219 3.30 -25.98 18.03
CA ARG A 219 3.62 -26.53 19.34
C ARG A 219 3.72 -28.04 19.23
N GLU A 220 4.92 -28.54 18.94
CA GLU A 220 5.14 -29.97 18.74
C GLU A 220 4.36 -30.47 17.53
N GLY A 221 4.34 -29.67 16.46
CA GLY A 221 3.65 -30.06 15.24
C GLY A 221 2.19 -29.66 15.21
N GLN A 222 1.72 -29.01 16.27
CA GLN A 222 0.34 -28.53 16.33
C GLN A 222 0.30 -27.02 16.15
N ASP A 223 -0.53 -26.56 15.21
CA ASP A 223 -0.58 -25.14 14.87
C ASP A 223 -1.02 -24.28 16.05
N GLN A 224 -0.38 -23.14 16.23
CA GLN A 224 -0.66 -22.25 17.35
C GLN A 224 -1.28 -20.94 16.91
N SER A 225 -1.90 -20.96 15.72
CA SER A 225 -2.54 -19.77 15.18
C SER A 225 -3.49 -18.75 15.81
N GLN A 226 -4.25 -19.20 16.81
CA GLN A 226 -5.17 -18.35 17.55
C GLN A 226 -4.79 -17.46 18.73
N ASP A 227 -3.59 -17.69 19.24
CA ASP A 227 -3.02 -16.85 20.29
C ASP A 227 -1.73 -16.23 19.77
N MET A 228 -1.49 -16.41 18.48
CA MET A 228 -0.32 -15.86 17.81
C MET A 228 -0.55 -14.39 17.46
N GLU A 229 0.47 -13.56 17.66
CA GLU A 229 0.40 -12.16 17.25
C GLU A 229 1.08 -11.97 15.90
N LEU A 230 0.32 -11.53 14.92
CA LEU A 230 0.83 -11.37 13.56
C LEU A 230 0.67 -9.92 13.11
N VAL A 231 1.79 -9.24 12.89
CA VAL A 231 1.71 -7.84 12.45
C VAL A 231 1.49 -7.72 10.95
N GLU A 232 0.91 -6.61 10.55
CA GLU A 232 0.70 -6.28 9.15
C GLU A 232 2.05 -6.19 8.45
N THR A 233 2.16 -6.82 7.28
CA THR A 233 3.38 -6.75 6.50
C THR A 233 3.70 -5.28 6.18
N ARG A 234 4.95 -4.90 6.42
CA ARG A 234 5.35 -3.50 6.34
C ARG A 234 6.53 -3.30 5.40
N PRO A 235 6.61 -2.13 4.75
CA PRO A 235 7.68 -1.82 3.80
C PRO A 235 9.01 -1.57 4.53
N SER A 236 10.09 -2.17 4.00
CA SER A 236 11.42 -1.99 4.59
C SER A 236 11.94 -0.58 4.33
N GLY A 237 11.47 0.02 3.23
CA GLY A 237 11.94 1.33 2.82
C GLY A 237 12.75 1.25 1.55
N ASP A 238 13.22 0.05 1.22
CA ASP A 238 14.06 -0.16 0.04
C ASP A 238 13.37 -1.00 -1.03
N GLY A 239 12.04 -1.14 -0.92
CA GLY A 239 11.29 -1.92 -1.89
C GLY A 239 10.99 -3.33 -1.40
N THR A 240 11.63 -3.74 -0.31
CA THR A 240 11.35 -5.04 0.29
C THR A 240 10.37 -4.89 1.44
N PHE A 241 10.12 -5.98 2.14
CA PHE A 241 9.10 -5.98 3.20
C PHE A 241 9.58 -6.68 4.48
N GLN A 242 8.86 -6.44 5.55
CA GLN A 242 9.17 -7.04 6.84
C GLN A 242 7.88 -7.62 7.43
N LYS A 243 8.04 -8.60 8.31
CA LYS A 243 6.89 -9.17 9.01
C LYS A 243 7.41 -10.01 10.17
N TRP A 244 6.62 -10.09 11.23
CA TRP A 244 6.95 -10.99 12.33
C TRP A 244 5.73 -11.59 13.02
N ALA A 245 5.92 -12.77 13.59
CA ALA A 245 4.87 -13.47 14.31
C ALA A 245 5.37 -13.82 15.70
N ALA A 246 4.60 -13.43 16.72
CA ALA A 246 4.97 -13.69 18.10
C ALA A 246 3.91 -14.52 18.81
N LEU A 247 4.30 -15.13 19.94
CA LEU A 247 3.36 -15.86 20.78
C LEU A 247 3.96 -16.10 22.16
N VAL A 248 3.15 -15.90 23.20
CA VAL A 248 3.59 -16.08 24.56
C VAL A 248 3.55 -17.56 24.96
N VAL A 249 4.61 -18.03 25.62
CA VAL A 249 4.70 -19.41 26.05
C VAL A 249 5.27 -19.51 27.45
N PRO A 250 5.15 -20.69 28.09
CA PRO A 250 5.81 -20.93 29.38
C PRO A 250 7.34 -20.88 29.23
N PRO A 251 8.01 -20.15 30.12
CA PRO A 251 9.44 -19.84 30.06
C PRO A 251 10.37 -21.05 29.95
N GLY A 252 9.81 -22.26 30.00
CA GLY A 252 10.62 -23.46 29.85
C GLY A 252 10.39 -24.23 28.57
N GLU A 253 9.26 -23.98 27.92
CA GLU A 253 8.86 -24.75 26.75
C GLU A 253 9.40 -24.20 25.43
N GLU A 254 10.38 -23.31 25.51
CA GLU A 254 10.96 -22.69 24.31
C GLU A 254 11.25 -23.71 23.20
N GLN A 255 11.86 -24.83 23.59
CA GLN A 255 12.27 -25.85 22.62
C GLN A 255 11.05 -26.56 22.01
N SER A 256 9.90 -26.41 22.65
CA SER A 256 8.69 -27.10 22.23
C SER A 256 7.91 -26.34 21.17
N TYR A 257 8.46 -25.21 20.74
CA TYR A 257 7.80 -24.37 19.73
C TYR A 257 8.67 -24.15 18.51
N THR A 258 8.04 -24.18 17.33
CA THR A 258 8.75 -23.94 16.08
C THR A 258 8.05 -22.88 15.22
N CYS A 259 8.84 -22.05 14.57
CA CYS A 259 8.31 -21.07 13.63
C CYS A 259 8.53 -21.56 12.20
N HIS A 260 7.49 -21.48 11.38
CA HIS A 260 7.55 -21.98 10.02
C HIS A 260 7.38 -20.85 9.01
N VAL A 261 8.36 -20.69 8.14
CA VAL A 261 8.36 -19.60 7.18
C VAL A 261 8.26 -20.11 5.75
N GLN A 262 7.22 -19.66 5.04
CA GLN A 262 7.07 -20.01 3.64
C GLN A 262 7.13 -18.77 2.78
N HIS A 263 8.07 -18.75 1.84
CA HIS A 263 8.23 -17.65 0.90
C HIS A 263 8.83 -18.17 -0.40
N GLU A 264 8.32 -17.68 -1.52
CA GLU A 264 8.75 -18.18 -2.83
C GLU A 264 10.23 -17.92 -3.09
N GLY A 265 10.84 -17.08 -2.28
CA GLY A 265 12.26 -16.77 -2.41
C GLY A 265 13.16 -17.82 -1.80
N LEU A 266 12.56 -18.71 -1.00
CA LEU A 266 13.31 -19.78 -0.36
C LEU A 266 13.37 -21.02 -1.25
N GLN A 267 14.42 -21.81 -1.08
CA GLN A 267 14.49 -23.11 -1.75
C GLN A 267 13.53 -24.07 -1.06
N GLU A 268 13.62 -24.10 0.27
CA GLU A 268 12.74 -24.93 1.08
C GLU A 268 12.11 -24.08 2.18
N PRO A 269 10.87 -24.41 2.57
CA PRO A 269 10.27 -23.73 3.72
C PRO A 269 11.15 -23.92 4.95
N LEU A 270 11.25 -22.89 5.78
CA LEU A 270 12.13 -22.94 6.94
C LEU A 270 11.41 -23.34 8.21
N THR A 271 12.16 -23.92 9.14
CA THR A 271 11.65 -24.22 10.47
C THR A 271 12.62 -23.64 11.50
N LEU A 272 12.22 -22.57 12.15
CA LEU A 272 13.08 -21.88 13.09
C LEU A 272 12.73 -22.22 14.54
N ARG A 273 13.71 -22.07 15.42
CA ARG A 273 13.52 -22.31 16.84
C ARG A 273 14.38 -21.31 17.60
N TRP A 274 14.06 -21.07 18.86
CA TRP A 274 14.87 -20.20 19.68
C TRP A 274 16.11 -20.93 20.16
N ASP A 275 17.24 -20.24 20.18
CA ASP A 275 18.51 -20.82 20.62
C ASP A 275 19.04 -20.13 21.86
N PHE B 2 -18.01 9.54 4.96
CA PHE B 2 -18.61 9.89 6.24
C PHE B 2 -18.15 8.97 7.37
N VAL B 3 -17.59 7.81 7.00
CA VAL B 3 -17.09 6.87 8.00
C VAL B 3 -15.58 7.03 8.18
N ALA B 4 -15.17 7.36 9.41
CA ALA B 4 -13.77 7.59 9.70
C ALA B 4 -13.10 6.37 10.33
N ARG B 5 -11.91 6.04 9.83
CA ARG B 5 -11.13 4.92 10.35
C ARG B 5 -9.81 5.43 10.89
N PRO B 6 -9.45 5.02 12.12
CA PRO B 6 -8.24 5.46 12.80
C PRO B 6 -6.97 4.85 12.20
N PRO B 7 -5.84 5.57 12.29
CA PRO B 7 -4.59 5.08 11.71
C PRO B 7 -3.93 4.05 12.62
N LYS B 8 -3.42 2.97 12.01
CA LYS B 8 -2.56 2.03 12.71
C LYS B 8 -1.12 2.46 12.46
N VAL B 9 -0.27 2.33 13.47
CA VAL B 9 1.10 2.82 13.38
C VAL B 9 2.13 1.78 13.80
N GLN B 10 3.14 1.57 12.96
CA GLN B 10 4.30 0.77 13.33
C GLN B 10 5.57 1.60 13.17
N VAL B 11 6.43 1.55 14.18
CA VAL B 11 7.71 2.24 14.13
C VAL B 11 8.83 1.23 14.29
N TYR B 12 9.79 1.26 13.36
CA TYR B 12 10.77 0.20 13.27
C TYR B 12 11.94 0.59 12.38
N SER B 13 13.04 -0.14 12.49
CA SER B 13 14.21 0.11 11.66
C SER B 13 14.23 -0.84 10.46
N ARG B 14 14.93 -0.45 9.41
CA ARG B 14 15.07 -1.29 8.23
C ARG B 14 15.91 -2.53 8.54
N HIS B 15 16.97 -2.33 9.30
CA HIS B 15 17.86 -3.43 9.68
C HIS B 15 17.91 -3.56 11.20
N PRO B 16 18.27 -4.76 11.68
CA PRO B 16 18.38 -4.97 13.14
C PRO B 16 19.19 -3.86 13.80
N ALA B 17 18.57 -3.18 14.76
CA ALA B 17 19.20 -2.04 15.43
C ALA B 17 20.55 -2.43 16.02
N GLU B 18 21.49 -1.48 16.00
CA GLU B 18 22.82 -1.67 16.55
C GLU B 18 23.51 -0.33 16.76
N ASN B 19 23.72 0.03 18.02
CA ASN B 19 24.31 1.30 18.37
C ASN B 19 25.60 1.59 17.58
N GLY B 20 25.65 2.78 16.99
CA GLY B 20 26.84 3.19 16.26
C GLY B 20 26.74 2.93 14.77
N LYS B 21 25.89 1.97 14.39
CA LYS B 21 25.77 1.58 12.99
C LYS B 21 24.58 2.26 12.32
N PRO B 22 24.85 3.02 11.24
CA PRO B 22 23.83 3.73 10.46
C PRO B 22 22.71 2.79 10.02
N ASN B 23 21.47 3.28 10.11
CA ASN B 23 20.30 2.47 9.80
C ASN B 23 19.25 3.34 9.14
N TYR B 24 18.01 2.87 9.13
CA TYR B 24 16.90 3.64 8.57
C TYR B 24 15.68 3.52 9.46
N LEU B 25 15.11 4.66 9.86
CA LEU B 25 13.97 4.70 10.75
C LEU B 25 12.65 4.81 9.98
N ASN B 26 11.74 3.87 10.25
CA ASN B 26 10.48 3.79 9.53
C ASN B 26 9.27 4.04 10.43
N CYS B 27 8.32 4.83 9.94
CA CYS B 27 7.01 4.94 10.56
C CYS B 27 5.93 4.64 9.53
N TYR B 28 5.37 3.45 9.61
CA TYR B 28 4.36 2.99 8.67
C TYR B 28 2.97 3.19 9.25
N VAL B 29 2.16 3.98 8.55
CA VAL B 29 0.82 4.30 9.01
C VAL B 29 -0.22 3.83 7.99
N SER B 30 -1.22 3.10 8.45
CA SER B 30 -2.17 2.46 7.54
C SER B 30 -3.56 2.31 8.15
N GLY B 31 -4.52 1.96 7.31
CA GLY B 31 -5.87 1.68 7.76
C GLY B 31 -6.71 2.90 8.06
N PHE B 32 -6.26 4.08 7.64
CA PHE B 32 -6.95 5.32 7.97
C PHE B 32 -7.77 5.92 6.83
N HIS B 33 -8.70 6.80 7.20
CA HIS B 33 -9.60 7.46 6.27
C HIS B 33 -10.36 8.51 7.08
N PRO B 34 -10.45 9.75 6.58
CA PRO B 34 -10.00 10.34 5.32
C PRO B 34 -8.48 10.35 5.18
N PRO B 35 -7.97 10.75 4.01
CA PRO B 35 -6.53 10.73 3.72
C PRO B 35 -5.76 11.79 4.49
N GLN B 36 -6.41 12.90 4.83
CA GLN B 36 -5.75 13.98 5.55
C GLN B 36 -5.14 13.47 6.85
N ILE B 37 -3.83 13.67 7.00
CA ILE B 37 -3.11 13.16 8.16
C ILE B 37 -1.74 13.80 8.29
N GLU B 38 -1.21 13.86 9.50
CA GLU B 38 0.13 14.41 9.73
C GLU B 38 0.98 13.40 10.48
N ILE B 39 2.12 13.06 9.89
CA ILE B 39 2.99 12.04 10.46
C ILE B 39 4.42 12.55 10.59
N ASP B 40 4.91 12.62 11.83
CA ASP B 40 6.25 13.12 12.10
C ASP B 40 7.09 12.12 12.86
N LEU B 41 8.33 11.94 12.43
CA LEU B 41 9.31 11.17 13.19
C LEU B 41 9.99 12.12 14.17
N LEU B 42 10.08 11.70 15.43
CA LEU B 42 10.66 12.54 16.47
C LEU B 42 11.94 11.93 17.04
N LYS B 43 12.91 12.78 17.33
CA LYS B 43 14.13 12.37 18.00
C LYS B 43 14.23 13.15 19.31
N ASN B 44 14.02 12.45 20.42
CA ASN B 44 13.98 13.10 21.73
C ASN B 44 12.88 14.14 21.79
N GLY B 45 11.80 13.90 21.06
CA GLY B 45 10.63 14.77 21.10
C GLY B 45 10.63 15.88 20.08
N GLU B 46 11.69 15.97 19.28
CA GLU B 46 11.79 17.02 18.26
C GLU B 46 11.72 16.44 16.86
N LYS B 47 11.02 17.14 15.97
CA LYS B 47 10.79 16.67 14.62
C LYS B 47 12.08 16.47 13.83
N MET B 48 12.14 15.36 13.09
CA MET B 48 13.29 15.07 12.24
C MET B 48 12.97 15.37 10.79
N ASN B 49 14.01 15.59 9.99
CA ASN B 49 13.87 15.54 8.54
C ASN B 49 13.38 14.16 8.19
N ALA B 50 12.40 14.08 7.30
CA ALA B 50 11.88 12.79 6.87
C ALA B 50 11.09 12.96 5.59
N GLU B 51 11.15 11.94 4.72
CA GLU B 51 10.37 11.97 3.50
C GLU B 51 9.18 11.04 3.61
N GLN B 52 8.11 11.39 2.90
CA GLN B 52 6.87 10.66 2.97
C GLN B 52 6.58 10.02 1.61
N SER B 53 6.08 8.79 1.64
CA SER B 53 5.78 8.06 0.43
C SER B 53 4.60 8.70 -0.31
N ASP B 54 4.36 8.25 -1.53
CA ASP B 54 3.19 8.70 -2.29
C ASP B 54 1.94 8.05 -1.72
N LEU B 55 0.88 8.85 -1.56
CA LEU B 55 -0.37 8.35 -1.01
C LEU B 55 -0.94 7.20 -1.83
N SER B 56 -1.19 6.07 -1.16
CA SER B 56 -1.79 4.92 -1.80
C SER B 56 -2.77 4.27 -0.84
N PHE B 57 -3.44 3.21 -1.27
CA PHE B 57 -4.44 2.57 -0.42
C PHE B 57 -4.53 1.05 -0.63
N SER B 58 -5.09 0.38 0.37
CA SER B 58 -5.24 -1.07 0.34
C SER B 58 -6.56 -1.49 -0.29
N LYS B 59 -6.76 -2.79 -0.43
CA LYS B 59 -7.94 -3.33 -1.09
C LYS B 59 -9.24 -2.88 -0.41
N ASP B 60 -9.15 -2.58 0.89
CA ASP B 60 -10.33 -2.13 1.62
C ASP B 60 -10.51 -0.61 1.57
N TRP B 61 -9.74 0.03 0.69
CA TRP B 61 -9.84 1.47 0.43
C TRP B 61 -9.11 2.34 1.45
N SER B 62 -8.69 1.76 2.56
CA SER B 62 -7.99 2.51 3.60
C SER B 62 -6.58 2.89 3.16
N PHE B 63 -6.16 4.09 3.52
CA PHE B 63 -4.90 4.65 3.05
C PHE B 63 -3.71 4.20 3.88
N TYR B 64 -2.53 4.23 3.28
CA TYR B 64 -1.30 3.99 4.01
C TYR B 64 -0.18 4.88 3.51
N LEU B 65 0.72 5.24 4.43
CA LEU B 65 1.86 6.09 4.11
C LEU B 65 3.07 5.60 4.89
N LEU B 66 4.25 5.78 4.29
CA LEU B 66 5.49 5.51 4.99
C LEU B 66 6.28 6.81 5.14
N VAL B 67 6.62 7.14 6.38
CA VAL B 67 7.55 8.22 6.66
C VAL B 67 8.85 7.60 7.16
N HIS B 68 9.97 7.99 6.57
CA HIS B 68 11.24 7.34 6.84
C HIS B 68 12.43 8.27 6.70
N THR B 69 13.46 8.03 7.49
CA THR B 69 14.67 8.82 7.44
C THR B 69 15.87 8.01 7.89
N GLU B 70 17.05 8.42 7.46
CA GLU B 70 18.28 7.78 7.91
C GLU B 70 18.49 8.15 9.37
N PHE B 71 19.11 7.25 10.13
CA PHE B 71 19.44 7.53 11.51
C PHE B 71 20.45 6.52 12.06
N THR B 72 21.23 6.95 13.03
CA THR B 72 22.20 6.08 13.67
C THR B 72 21.81 5.90 15.13
N PRO B 73 21.21 4.75 15.46
CA PRO B 73 20.73 4.46 16.81
C PRO B 73 21.88 4.38 17.79
N ASN B 74 21.69 4.93 18.98
CA ASN B 74 22.67 4.78 20.06
C ASN B 74 21.96 4.38 21.35
N ALA B 75 22.68 4.44 22.46
CA ALA B 75 22.13 3.99 23.74
C ALA B 75 21.37 5.09 24.49
N VAL B 76 21.32 6.29 23.90
CA VAL B 76 20.73 7.44 24.57
C VAL B 76 19.49 7.99 23.87
N ASP B 77 19.61 8.25 22.58
CA ASP B 77 18.56 8.91 21.81
C ASP B 77 17.25 8.13 21.78
N GLN B 78 16.16 8.83 22.04
CA GLN B 78 14.83 8.24 22.00
C GLN B 78 14.10 8.65 20.72
N TYR B 79 13.54 7.67 20.03
CA TYR B 79 12.80 7.93 18.80
C TYR B 79 11.33 7.56 18.92
N SER B 80 10.49 8.28 18.19
CA SER B 80 9.05 8.03 18.23
C SER B 80 8.36 8.59 16.99
N CYS B 81 7.15 8.13 16.72
CA CYS B 81 6.34 8.67 15.63
C CYS B 81 5.08 9.31 16.17
N ARG B 82 4.83 10.55 15.77
CA ARG B 82 3.65 11.28 16.20
C ARG B 82 2.68 11.43 15.04
N VAL B 83 1.45 10.99 15.25
CA VAL B 83 0.45 10.97 14.19
C VAL B 83 -0.79 11.78 14.55
N LYS B 84 -1.17 12.71 13.69
CA LYS B 84 -2.35 13.53 13.90
C LYS B 84 -3.40 13.22 12.86
N HIS B 85 -4.61 12.87 13.32
CA HIS B 85 -5.71 12.52 12.43
C HIS B 85 -7.03 12.90 13.08
N VAL B 86 -8.03 13.22 12.27
CA VAL B 86 -9.33 13.68 12.77
C VAL B 86 -9.97 12.65 13.69
N THR B 87 -9.60 11.39 13.52
CA THR B 87 -10.18 10.31 14.32
C THR B 87 -9.52 10.23 15.69
N LEU B 88 -8.42 10.96 15.88
CA LEU B 88 -7.65 10.86 17.11
C LEU B 88 -7.93 12.00 18.09
N ASP B 89 -8.35 11.63 19.28
CA ASP B 89 -8.61 12.57 20.37
C ASP B 89 -7.44 13.54 20.52
N LYS B 90 -6.24 12.97 20.62
CA LYS B 90 -5.01 13.75 20.68
C LYS B 90 -3.94 13.04 19.86
N PRO B 91 -2.81 13.72 19.60
CA PRO B 91 -1.76 13.11 18.80
C PRO B 91 -1.41 11.71 19.29
N LYS B 92 -1.22 10.78 18.36
CA LYS B 92 -0.80 9.43 18.68
C LYS B 92 0.72 9.38 18.64
N ILE B 93 1.34 9.00 19.76
CA ILE B 93 2.79 8.95 19.82
C ILE B 93 3.26 7.52 20.09
N VAL B 94 3.94 6.95 19.09
CA VAL B 94 4.45 5.58 19.20
C VAL B 94 5.97 5.60 19.34
N LYS B 95 6.45 5.17 20.50
CA LYS B 95 7.89 5.16 20.75
C LYS B 95 8.55 3.99 20.02
N TRP B 96 9.76 4.21 19.51
CA TRP B 96 10.46 3.16 18.79
C TRP B 96 11.03 2.11 19.73
N ASP B 97 10.83 0.85 19.36
CA ASP B 97 11.30 -0.28 20.15
C ASP B 97 12.04 -1.23 19.22
N ARG B 98 13.31 -1.47 19.50
CA ARG B 98 14.12 -2.33 18.64
C ARG B 98 13.73 -3.81 18.78
N ASP B 99 12.66 -4.06 19.52
CA ASP B 99 12.16 -5.42 19.72
C ASP B 99 10.70 -5.55 19.32
N HIS B 100 9.99 -4.43 19.37
CA HIS B 100 8.57 -4.37 19.01
C HIS B 100 7.70 -5.05 20.04
N ALA C 1 1.30 1.60 -18.61
CA ALA C 1 0.71 2.80 -19.18
C ALA C 1 -0.73 2.98 -18.72
N THR C 2 -1.10 4.20 -18.35
CA THR C 2 -2.41 4.48 -17.79
C THR C 2 -3.53 4.39 -18.83
N ALA C 3 -4.74 4.10 -18.37
CA ALA C 3 -5.91 4.12 -19.24
C ALA C 3 -6.38 5.56 -19.43
N ALA C 4 -7.11 5.81 -20.51
CA ALA C 4 -7.67 7.12 -20.76
C ALA C 4 -8.75 7.43 -19.72
N ALA C 5 -9.05 8.72 -19.53
CA ALA C 5 -10.04 9.14 -18.55
C ALA C 5 -11.35 8.38 -18.68
N THR C 6 -11.85 7.90 -17.54
CA THR C 6 -13.14 7.21 -17.50
C THR C 6 -14.27 8.15 -17.93
N GLU C 7 -15.41 7.57 -18.30
CA GLU C 7 -16.60 8.36 -18.55
C GLU C 7 -16.91 9.18 -17.32
N ALA C 8 -17.66 10.26 -17.50
CA ALA C 8 -18.07 11.10 -16.39
C ALA C 8 -18.90 10.29 -15.40
N TYR C 9 -18.70 10.57 -14.11
CA TYR C 9 -19.50 9.91 -13.08
C TYR C 9 -20.96 10.35 -13.12
#